data_4XCV
#
_entry.id   4XCV
#
_cell.length_a   65.663
_cell.length_b   65.663
_cell.length_c   151.458
_cell.angle_alpha   90.000
_cell.angle_beta   90.000
_cell.angle_gamma   90.000
#
_symmetry.space_group_name_H-M   'P 41 21 2'
#
loop_
_entity.id
_entity.type
_entity.pdbx_description
1 polymer 'NADP-dependent 2-hydroxyacid dehydrogenase'
2 non-polymer 'NADPH DIHYDRO-NICOTINAMIDE-ADENINE-DINUCLEOTIDE PHOSPHATE'
3 non-polymer 'CHLORIDE ION'
4 non-polymer DI(HYDROXYETHYL)ETHER
5 water water
#
_entity_poly.entity_id   1
_entity_poly.type   'polypeptide(L)'
_entity_poly.pdbx_seq_one_letter_code
;SMSVRPPVLVDIKFNPEGVDRVLKTAFADRGSINLADPANRERDFSETEYALLWKPDADLFRRAPNLKVIFSGGAGVDHI
IGMAGLPDIPIVRFVDRSLTTRMSEWVVMQCLMHLRGQYGHDSHQRRREWAKLIAPEAAEVTVGVMGLGILGQDAVAKLK
VMGFNVIGWSRTRKTIEGVETFDAGELDRFLAKTDILVGLLPLTPETTGFYDSELFKKLRRDGALGQPVFINAGRGKSQI
ETDIVSAVREGTLGGASLDVFEVEPLATDSPLWELENVFITPHDAAVSEENALFRHVEMQIARFERGEPLQFVIDRAAGY
;
_entity_poly.pdbx_strand_id   A
#
# COMPACT_ATOMS: atom_id res chain seq x y z
N VAL A 4 4.82 23.92 -29.11
CA VAL A 4 5.24 22.51 -28.83
C VAL A 4 5.59 22.33 -27.37
N ARG A 5 4.91 21.43 -26.69
CA ARG A 5 5.25 21.15 -25.29
C ARG A 5 6.46 20.23 -25.22
N PRO A 6 7.32 20.44 -24.23
CA PRO A 6 8.48 19.53 -24.18
C PRO A 6 8.11 18.13 -23.71
N PRO A 7 8.92 17.12 -24.08
CA PRO A 7 8.60 15.77 -23.66
C PRO A 7 8.75 15.61 -22.13
N VAL A 8 8.03 14.62 -21.61
CA VAL A 8 8.06 14.26 -20.18
C VAL A 8 9.26 13.36 -19.88
N LEU A 9 10.00 13.71 -18.83
CA LEU A 9 11.13 12.88 -18.41
CA LEU A 9 11.13 12.88 -18.42
C LEU A 9 10.61 11.67 -17.65
N VAL A 10 11.09 10.49 -18.02
CA VAL A 10 10.65 9.24 -17.40
C VAL A 10 11.88 8.46 -16.94
N ASP A 11 11.97 8.26 -15.62
CA ASP A 11 13.07 7.48 -15.02
C ASP A 11 12.45 6.54 -14.01
N ILE A 12 12.01 5.40 -14.49
CA ILE A 12 11.31 4.44 -13.64
C ILE A 12 11.97 3.06 -13.80
N LYS A 13 12.41 2.52 -12.68
CA LYS A 13 13.12 1.23 -12.68
C LYS A 13 12.18 0.01 -12.66
N PHE A 14 11.34 -0.11 -13.69
CA PHE A 14 10.44 -1.26 -13.91
C PHE A 14 11.01 -2.07 -15.07
N ASN A 15 10.32 -3.12 -15.51
CA ASN A 15 10.79 -3.84 -16.72
C ASN A 15 11.04 -2.83 -17.81
N PRO A 16 12.32 -2.71 -18.23
CA PRO A 16 12.59 -1.67 -19.22
C PRO A 16 11.82 -1.93 -20.53
N GLU A 17 11.67 -3.19 -20.93
CA GLU A 17 11.00 -3.51 -22.18
C GLU A 17 9.52 -3.13 -22.08
N GLY A 18 8.93 -3.34 -20.91
CA GLY A 18 7.54 -2.95 -20.70
C GLY A 18 7.33 -1.45 -20.77
N VAL A 19 8.24 -0.71 -20.13
CA VAL A 19 8.15 0.74 -20.12
C VAL A 19 8.33 1.29 -21.54
N ASP A 20 9.29 0.76 -22.28
CA ASP A 20 9.49 1.13 -23.67
C ASP A 20 8.20 1.00 -24.46
N ARG A 21 7.48 -0.12 -24.28
CA ARG A 21 6.25 -0.36 -25.01
C ARG A 21 5.15 0.60 -24.66
N VAL A 22 4.89 0.84 -23.38
CA VAL A 22 3.87 1.81 -22.99
CA VAL A 22 3.86 1.82 -23.01
C VAL A 22 4.19 3.18 -23.52
N LEU A 23 5.46 3.54 -23.47
CA LEU A 23 5.80 4.88 -23.90
C LEU A 23 5.55 5.12 -25.37
N LYS A 24 5.40 4.08 -26.21
CA LYS A 24 5.04 4.24 -27.62
CA LYS A 24 5.10 4.32 -27.61
C LYS A 24 3.76 4.98 -27.80
N THR A 25 2.83 4.86 -26.85
CA THR A 25 1.51 5.46 -27.01
C THR A 25 1.19 6.53 -25.94
N ALA A 26 2.13 6.80 -25.07
CA ALA A 26 1.91 7.75 -23.99
C ALA A 26 2.34 9.16 -24.40
N PHE A 27 1.74 10.13 -23.72
CA PHE A 27 2.14 11.52 -23.89
C PHE A 27 2.14 11.93 -25.36
N ALA A 28 1.07 11.59 -26.10
CA ALA A 28 1.19 11.65 -27.57
C ALA A 28 1.36 13.04 -28.14
N ASP A 29 1.04 14.07 -27.39
CA ASP A 29 1.25 15.45 -27.85
C ASP A 29 2.65 15.98 -27.65
N ARG A 30 3.50 15.23 -26.95
CA ARG A 30 4.81 15.77 -26.61
C ARG A 30 5.97 14.77 -26.57
N GLY A 31 5.67 13.51 -26.37
CA GLY A 31 6.70 12.48 -26.23
C GLY A 31 7.28 12.40 -24.86
N SER A 32 8.28 11.55 -24.76
CA SER A 32 8.95 11.26 -23.50
C SER A 32 10.43 11.13 -23.69
N ILE A 33 11.14 11.28 -22.59
CA ILE A 33 12.60 11.05 -22.48
C ILE A 33 12.79 9.87 -21.53
N ASN A 34 13.07 8.70 -22.06
CA ASN A 34 13.25 7.52 -21.24
C ASN A 34 14.71 7.47 -20.80
N LEU A 35 14.97 7.70 -19.52
CA LEU A 35 16.35 7.70 -19.01
C LEU A 35 17.00 6.32 -19.06
N ALA A 36 16.24 5.24 -19.29
CA ALA A 36 16.87 3.91 -19.48
C ALA A 36 17.59 3.78 -20.83
N ASP A 37 17.32 4.67 -21.76
CA ASP A 37 17.87 4.60 -23.10
C ASP A 37 19.26 5.24 -23.07
N PRO A 38 20.32 4.49 -23.47
CA PRO A 38 21.63 5.11 -23.53
C PRO A 38 21.77 6.35 -24.43
N ALA A 39 20.89 6.50 -25.40
CA ALA A 39 20.89 7.68 -26.27
C ALA A 39 20.52 8.95 -25.52
N ASN A 40 20.04 8.81 -24.28
CA ASN A 40 19.70 9.97 -23.44
C ASN A 40 20.71 10.30 -22.36
N ARG A 41 21.88 9.66 -22.40
CA ARG A 41 22.93 9.92 -21.40
C ARG A 41 23.33 11.37 -21.31
N GLU A 42 23.32 12.06 -22.44
CA GLU A 42 23.68 13.46 -22.48
C GLU A 42 22.57 14.36 -22.98
N ARG A 43 21.34 13.90 -22.82
CA ARG A 43 20.18 14.66 -23.23
C ARG A 43 20.08 15.96 -22.46
N ASP A 44 19.74 17.04 -23.14
CA ASP A 44 19.45 18.37 -22.56
C ASP A 44 18.05 18.35 -21.91
N PHE A 45 17.98 18.56 -20.60
CA PHE A 45 16.70 18.68 -19.87
C PHE A 45 16.39 20.13 -19.50
N SER A 46 16.96 21.11 -20.16
CA SER A 46 16.68 22.49 -19.79
C SER A 46 15.21 22.88 -19.91
N GLU A 47 14.47 22.31 -20.86
CA GLU A 47 13.07 22.68 -21.06
CA GLU A 47 13.06 22.66 -21.08
C GLU A 47 12.10 21.78 -20.31
N THR A 48 12.59 20.71 -19.70
CA THR A 48 11.72 19.71 -19.12
C THR A 48 10.89 20.27 -17.98
N GLU A 49 9.58 20.06 -18.06
CA GLU A 49 8.59 20.55 -17.08
C GLU A 49 8.16 19.47 -16.11
N TYR A 50 8.02 18.24 -16.58
CA TYR A 50 7.43 17.18 -15.76
C TYR A 50 8.37 16.00 -15.74
N ALA A 51 8.52 15.37 -14.58
CA ALA A 51 9.35 14.17 -14.44
C ALA A 51 8.53 13.11 -13.73
N LEU A 52 8.54 11.91 -14.27
CA LEU A 52 7.92 10.70 -13.72
C LEU A 52 9.07 9.83 -13.23
N LEU A 53 9.14 9.64 -11.90
CA LEU A 53 10.31 9.09 -11.25
C LEU A 53 9.97 7.93 -10.32
N TRP A 54 10.78 6.89 -10.40
CA TRP A 54 10.72 5.79 -9.44
C TRP A 54 12.14 5.36 -9.21
N LYS A 55 12.62 5.62 -7.99
CA LYS A 55 14.02 5.38 -7.62
C LYS A 55 14.94 6.11 -8.62
N PRO A 56 14.74 7.45 -8.76
CA PRO A 56 15.52 8.24 -9.71
C PRO A 56 17.00 8.34 -9.39
N ASP A 57 17.79 8.61 -10.43
CA ASP A 57 19.20 8.92 -10.26
C ASP A 57 19.37 10.14 -9.37
N ALA A 58 20.40 10.12 -8.54
CA ALA A 58 20.65 11.16 -7.54
C ALA A 58 20.87 12.57 -8.12
N ASP A 59 21.44 12.67 -9.31
CA ASP A 59 21.74 13.98 -9.94
C ASP A 59 20.67 14.48 -10.92
N LEU A 60 19.49 13.89 -10.86
CA LEU A 60 18.47 14.22 -11.84
C LEU A 60 18.09 15.70 -11.75
N PHE A 61 18.06 16.23 -10.53
CA PHE A 61 17.56 17.58 -10.29
C PHE A 61 18.59 18.60 -10.68
N ARG A 62 19.85 18.20 -10.71
CA ARG A 62 20.87 19.05 -11.29
C ARG A 62 20.75 19.11 -12.81
N ARG A 63 20.39 17.99 -13.43
CA ARG A 63 20.26 17.92 -14.89
C ARG A 63 18.99 18.58 -15.39
N ALA A 64 17.92 18.51 -14.59
CA ALA A 64 16.62 19.06 -14.95
C ALA A 64 16.20 20.09 -13.92
N PRO A 65 16.81 21.27 -13.97
CA PRO A 65 16.59 22.22 -12.89
C PRO A 65 15.32 23.05 -12.97
N ASN A 66 14.56 22.90 -14.06
CA ASN A 66 13.41 23.75 -14.33
C ASN A 66 12.11 23.00 -14.25
N LEU A 67 12.15 21.83 -13.62
CA LEU A 67 10.94 21.02 -13.39
C LEU A 67 9.88 21.83 -12.65
N LYS A 68 8.63 21.64 -13.07
CA LYS A 68 7.44 22.19 -12.42
C LYS A 68 6.72 21.17 -11.53
N VAL A 69 6.71 19.88 -11.90
CA VAL A 69 5.99 18.86 -11.15
C VAL A 69 6.78 17.58 -11.24
N ILE A 70 6.84 16.89 -10.10
CA ILE A 70 7.34 15.52 -10.04
C ILE A 70 6.16 14.55 -9.83
N PHE A 71 6.13 13.49 -10.64
CA PHE A 71 5.18 12.42 -10.50
C PHE A 71 5.86 11.19 -10.01
N SER A 72 5.39 10.67 -8.88
CA SER A 72 5.86 9.37 -8.43
C SER A 72 5.39 8.27 -9.37
N GLY A 73 6.28 7.32 -9.65
CA GLY A 73 5.90 6.14 -10.39
C GLY A 73 5.22 5.06 -9.61
N GLY A 74 5.14 5.31 -8.30
CA GLY A 74 4.49 4.41 -7.35
C GLY A 74 3.46 5.09 -6.51
N ALA A 75 2.69 4.24 -5.81
CA ALA A 75 1.74 4.68 -4.82
C ALA A 75 2.44 5.28 -3.62
N GLY A 76 3.67 4.83 -3.38
CA GLY A 76 4.48 5.32 -2.30
C GLY A 76 5.43 6.42 -2.78
N VAL A 77 5.93 7.21 -1.82
CA VAL A 77 6.87 8.25 -2.12
C VAL A 77 8.10 8.22 -1.22
N ASP A 78 8.23 7.16 -0.40
CA ASP A 78 9.46 6.91 0.38
C ASP A 78 10.70 6.83 -0.53
N HIS A 79 10.51 6.32 -1.74
CA HIS A 79 11.62 6.23 -2.70
C HIS A 79 12.17 7.59 -3.16
N ILE A 80 11.39 8.66 -2.97
CA ILE A 80 11.71 10.03 -3.44
C ILE A 80 11.95 11.00 -2.29
N ILE A 81 11.11 10.90 -1.28
CA ILE A 81 11.00 11.95 -0.27
C ILE A 81 12.32 12.32 0.43
N GLY A 82 13.22 11.36 0.60
CA GLY A 82 14.46 11.60 1.31
C GLY A 82 15.65 12.10 0.52
N MET A 83 15.45 12.49 -0.74
CA MET A 83 16.57 12.76 -1.64
C MET A 83 17.16 14.16 -1.50
N ALA A 84 18.48 14.24 -1.44
CA ALA A 84 19.15 15.53 -1.42
C ALA A 84 18.87 16.29 -2.69
N GLY A 85 18.60 17.59 -2.53
CA GLY A 85 18.37 18.47 -3.66
C GLY A 85 17.01 18.27 -4.28
N LEU A 86 16.07 17.66 -3.55
CA LEU A 86 14.70 17.52 -4.03
C LEU A 86 14.10 18.92 -4.11
N PRO A 87 13.64 19.34 -5.30
CA PRO A 87 13.17 20.72 -5.42
C PRO A 87 11.82 20.96 -4.75
N ASP A 88 11.54 22.23 -4.45
CA ASP A 88 10.33 22.61 -3.72
C ASP A 88 9.25 22.85 -4.75
N ILE A 89 8.81 21.75 -5.34
CA ILE A 89 7.74 21.73 -6.32
C ILE A 89 6.81 20.58 -5.94
N PRO A 90 5.58 20.60 -6.46
CA PRO A 90 4.64 19.54 -6.06
C PRO A 90 5.12 18.16 -6.46
N ILE A 91 4.91 17.21 -5.56
CA ILE A 91 5.12 15.81 -5.85
C ILE A 91 3.78 15.12 -5.79
N VAL A 92 3.40 14.50 -6.88
CA VAL A 92 2.09 13.87 -7.07
C VAL A 92 2.24 12.36 -6.94
N ARG A 93 1.49 11.74 -6.04
CA ARG A 93 1.57 10.29 -5.95
C ARG A 93 0.63 9.60 -6.90
N PHE A 94 0.98 8.38 -7.25
CA PHE A 94 0.24 7.63 -8.18
C PHE A 94 -0.90 7.01 -7.45
N VAL A 95 -2.10 7.53 -7.68
CA VAL A 95 -3.30 6.98 -7.18
C VAL A 95 -4.06 6.46 -8.36
N ASP A 96 -3.90 5.16 -8.51
CA ASP A 96 -4.61 4.46 -9.57
C ASP A 96 -6.05 4.33 -9.07
N ARG A 97 -6.87 5.22 -9.55
CA ARG A 97 -8.30 5.26 -9.21
C ARG A 97 -9.00 3.96 -9.41
N SER A 98 -8.52 3.09 -10.32
CA SER A 98 -9.08 1.67 -10.43
C SER A 98 -8.53 0.56 -9.54
N LEU A 99 -7.41 0.79 -8.84
CA LEU A 99 -6.74 -0.06 -7.91
C LEU A 99 -7.39 -0.13 -6.53
N THR A 100 -8.00 0.97 -6.12
CA THR A 100 -8.69 1.03 -4.83
C THR A 100 -9.66 -0.14 -4.66
N THR A 101 -10.49 -0.43 -5.66
CA THR A 101 -11.46 -1.49 -5.52
C THR A 101 -10.78 -2.87 -5.43
N ARG A 102 -9.64 -3.03 -6.05
CA ARG A 102 -8.90 -4.28 -6.00
C ARG A 102 -8.28 -4.48 -4.62
N MET A 103 -7.79 -3.41 -3.99
CA MET A 103 -7.28 -3.54 -2.61
C MET A 103 -8.41 -3.93 -1.73
N SER A 104 -9.61 -3.37 -1.88
CA SER A 104 -10.73 -3.75 -1.05
C SER A 104 -11.15 -5.21 -1.28
N GLU A 105 -11.05 -5.72 -2.50
CA GLU A 105 -11.33 -7.16 -2.72
C GLU A 105 -10.38 -7.97 -1.83
N TRP A 106 -9.10 -7.61 -1.84
CA TRP A 106 -8.09 -8.38 -1.09
C TRP A 106 -8.35 -8.29 0.39
N VAL A 107 -8.61 -7.08 0.89
CA VAL A 107 -8.82 -6.92 2.33
C VAL A 107 -10.05 -7.71 2.78
N VAL A 108 -11.16 -7.56 2.07
CA VAL A 108 -12.37 -8.26 2.48
C VAL A 108 -12.15 -9.78 2.41
N MET A 109 -11.49 -10.27 1.34
CA MET A 109 -11.23 -11.71 1.23
C MET A 109 -10.40 -12.20 2.39
N GLN A 110 -9.35 -11.47 2.76
CA GLN A 110 -8.51 -11.91 3.86
C GLN A 110 -9.26 -11.90 5.16
N CYS A 111 -10.04 -10.86 5.42
CA CYS A 111 -10.84 -10.84 6.65
C CYS A 111 -11.85 -11.96 6.70
N LEU A 112 -12.48 -12.25 5.57
CA LEU A 112 -13.41 -13.38 5.54
C LEU A 112 -12.71 -14.73 5.73
N MET A 113 -11.53 -14.91 5.13
CA MET A 113 -10.83 -16.17 5.29
C MET A 113 -10.43 -16.40 6.74
N HIS A 114 -10.07 -15.35 7.45
CA HIS A 114 -9.79 -15.48 8.89
C HIS A 114 -11.07 -15.67 9.69
N LEU A 115 -12.13 -14.97 9.36
CA LEU A 115 -13.39 -15.14 10.06
C LEU A 115 -13.90 -16.57 9.93
N ARG A 116 -13.79 -17.14 8.72
CA ARG A 116 -14.47 -18.37 8.39
C ARG A 116 -13.61 -19.60 8.59
N GLY A 117 -12.33 -19.45 8.86
CA GLY A 117 -11.46 -20.57 9.05
C GLY A 117 -10.99 -21.25 7.81
N GLN A 118 -10.63 -20.47 6.79
CA GLN A 118 -10.12 -21.05 5.59
C GLN A 118 -8.90 -21.91 5.80
N TYR A 119 -8.01 -21.50 6.69
CA TYR A 119 -6.81 -22.31 6.94
C TYR A 119 -7.21 -23.71 7.39
N GLY A 120 -8.12 -23.81 8.32
CA GLY A 120 -8.54 -25.12 8.82
C GLY A 120 -9.28 -25.91 7.76
N HIS A 121 -10.20 -25.24 7.06
CA HIS A 121 -10.92 -25.90 5.98
C HIS A 121 -9.96 -26.48 4.96
N ASP A 122 -8.96 -25.72 4.61
CA ASP A 122 -8.06 -26.20 3.60
CA ASP A 122 -7.93 -26.13 3.61
C ASP A 122 -7.15 -27.33 4.10
N SER A 123 -6.70 -27.23 5.35
CA SER A 123 -5.92 -28.29 5.95
C SER A 123 -6.69 -29.61 5.99
N HIS A 124 -7.93 -29.56 6.41
CA HIS A 124 -8.76 -30.78 6.44
C HIS A 124 -9.06 -31.29 5.03
N GLN A 125 -9.35 -30.38 4.09
CA GLN A 125 -9.66 -30.79 2.72
C GLN A 125 -8.48 -31.58 2.12
N ARG A 126 -7.26 -31.12 2.37
CA ARG A 126 -6.09 -31.79 1.80
C ARG A 126 -5.87 -33.19 2.37
N ARG A 127 -6.46 -33.44 3.54
CA ARG A 127 -6.38 -34.72 4.22
C ARG A 127 -7.63 -35.53 4.07
N ARG A 128 -8.54 -35.11 3.19
CA ARG A 128 -9.80 -35.80 2.97
C ARG A 128 -10.59 -36.00 4.24
N GLU A 129 -10.58 -34.97 5.08
CA GLU A 129 -11.27 -34.97 6.38
C GLU A 129 -12.49 -34.05 6.36
N TRP A 130 -13.64 -34.58 6.71
CA TRP A 130 -14.90 -33.83 6.81
C TRP A 130 -14.94 -33.29 8.23
N ALA A 131 -14.87 -31.96 8.38
CA ALA A 131 -14.60 -31.37 9.70
C ALA A 131 -15.28 -30.02 9.82
N LYS A 132 -16.52 -30.04 10.27
CA LYS A 132 -17.25 -28.78 10.43
C LYS A 132 -16.55 -27.89 11.43
N LEU A 133 -16.45 -26.59 11.09
CA LEU A 133 -15.92 -25.56 11.96
C LEU A 133 -16.96 -24.57 12.39
N ILE A 134 -16.71 -23.96 13.54
CA ILE A 134 -17.57 -22.89 14.09
C ILE A 134 -16.96 -21.57 13.74
N ALA A 135 -17.73 -20.66 13.17
CA ALA A 135 -17.25 -19.30 12.95
C ALA A 135 -18.30 -18.34 13.45
N PRO A 136 -17.86 -17.28 14.11
CA PRO A 136 -18.81 -16.28 14.49
C PRO A 136 -19.28 -15.46 13.28
N GLU A 137 -20.47 -14.88 13.35
CA GLU A 137 -20.85 -13.96 12.26
C GLU A 137 -19.95 -12.70 12.32
N ALA A 138 -19.80 -12.06 11.17
CA ALA A 138 -18.93 -10.92 11.04
C ALA A 138 -19.23 -9.84 12.07
N ALA A 139 -20.51 -9.66 12.38
CA ALA A 139 -20.88 -8.60 13.36
C ALA A 139 -20.28 -8.77 14.74
N GLU A 140 -19.86 -9.98 15.06
CA GLU A 140 -19.25 -10.24 16.36
CA GLU A 140 -19.23 -10.28 16.34
C GLU A 140 -17.77 -9.91 16.40
N VAL A 141 -17.18 -9.53 15.27
CA VAL A 141 -15.74 -9.34 15.13
C VAL A 141 -15.48 -7.90 14.74
N THR A 142 -14.53 -7.27 15.40
CA THR A 142 -14.16 -5.89 15.05
C THR A 142 -12.89 -5.88 14.24
N VAL A 143 -13.03 -5.33 13.03
CA VAL A 143 -11.88 -5.01 12.18
C VAL A 143 -11.46 -3.57 12.44
N GLY A 144 -10.18 -3.41 12.84
CA GLY A 144 -9.58 -2.11 13.05
C GLY A 144 -8.70 -1.74 11.89
N VAL A 145 -9.12 -0.72 11.12
CA VAL A 145 -8.38 -0.30 9.93
C VAL A 145 -7.44 0.84 10.32
N MET A 146 -6.16 0.64 10.07
CA MET A 146 -5.11 1.63 10.34
C MET A 146 -4.74 2.27 9.03
N GLY A 147 -5.12 3.54 8.93
CA GLY A 147 -5.00 4.27 7.65
C GLY A 147 -6.39 4.41 7.09
N LEU A 148 -6.85 5.63 6.97
CA LEU A 148 -8.19 5.95 6.50
C LEU A 148 -8.08 6.90 5.34
N GLY A 149 -7.19 6.58 4.41
CA GLY A 149 -7.00 7.40 3.20
C GLY A 149 -7.83 6.81 2.07
N ILE A 150 -7.32 6.91 0.86
CA ILE A 150 -8.04 6.40 -0.30
C ILE A 150 -8.35 4.91 -0.11
N LEU A 151 -7.35 4.13 0.32
CA LEU A 151 -7.55 2.70 0.45
C LEU A 151 -8.35 2.36 1.70
N GLY A 152 -8.02 2.94 2.84
CA GLY A 152 -8.70 2.56 4.05
C GLY A 152 -10.15 2.91 4.05
N GLN A 153 -10.52 4.05 3.49
N GLN A 153 -10.51 4.07 3.50
CA GLN A 153 -11.94 4.39 3.52
CA GLN A 153 -11.93 4.45 3.43
C GLN A 153 -12.78 3.50 2.63
C GLN A 153 -12.74 3.43 2.67
N ASP A 154 -12.22 3.00 1.52
CA ASP A 154 -12.95 2.04 0.72
C ASP A 154 -13.09 0.69 1.40
N ALA A 155 -12.03 0.23 2.04
CA ALA A 155 -12.06 -1.02 2.79
C ALA A 155 -13.08 -0.96 3.89
N VAL A 156 -13.07 0.12 4.67
CA VAL A 156 -14.06 0.26 5.74
C VAL A 156 -15.46 0.10 5.21
N ALA A 157 -15.81 0.80 4.14
CA ALA A 157 -17.15 0.79 3.61
C ALA A 157 -17.58 -0.64 3.26
N LYS A 158 -16.68 -1.38 2.61
CA LYS A 158 -17.03 -2.71 2.12
C LYS A 158 -17.05 -3.75 3.23
N LEU A 159 -16.14 -3.61 4.20
CA LEU A 159 -16.19 -4.48 5.38
C LEU A 159 -17.50 -4.29 6.14
N LYS A 160 -17.95 -3.06 6.25
CA LYS A 160 -19.22 -2.76 6.94
C LYS A 160 -20.38 -3.42 6.24
N VAL A 161 -20.40 -3.36 4.92
CA VAL A 161 -21.52 -3.97 4.18
C VAL A 161 -21.50 -5.51 4.40
N MET A 162 -20.31 -6.12 4.46
CA MET A 162 -20.27 -7.54 4.73
C MET A 162 -20.72 -7.91 6.13
N GLY A 163 -20.76 -6.98 7.06
CA GLY A 163 -21.35 -7.20 8.36
C GLY A 163 -20.38 -7.01 9.51
N PHE A 164 -19.09 -6.79 9.24
CA PHE A 164 -18.13 -6.62 10.34
C PHE A 164 -18.45 -5.38 11.14
N ASN A 165 -18.13 -5.41 12.42
CA ASN A 165 -17.99 -4.15 13.18
C ASN A 165 -16.64 -3.58 12.73
N VAL A 166 -16.59 -2.30 12.42
CA VAL A 166 -15.36 -1.69 11.95
C VAL A 166 -15.07 -0.43 12.73
N ILE A 167 -13.81 -0.27 13.09
CA ILE A 167 -13.31 0.96 13.72
C ILE A 167 -12.08 1.40 12.93
N GLY A 168 -11.70 2.68 13.03
CA GLY A 168 -10.56 3.19 12.28
C GLY A 168 -9.65 4.06 13.09
N TRP A 169 -8.42 4.14 12.59
CA TRP A 169 -7.37 4.90 13.24
C TRP A 169 -6.58 5.63 12.14
N SER A 170 -6.30 6.89 12.38
CA SER A 170 -5.51 7.70 11.44
C SER A 170 -4.86 8.83 12.18
N ARG A 171 -3.98 9.55 11.53
CA ARG A 171 -3.19 10.58 12.21
C ARG A 171 -4.09 11.67 12.77
N THR A 172 -5.00 12.14 11.95
CA THR A 172 -6.10 13.01 12.34
C THR A 172 -7.38 12.23 12.30
N ARG A 173 -8.19 12.30 13.36
CA ARG A 173 -9.44 11.54 13.40
C ARG A 173 -10.35 11.89 12.22
N LYS A 174 -10.89 10.88 11.55
CA LYS A 174 -11.90 11.08 10.49
C LYS A 174 -13.30 11.05 11.06
N THR A 175 -14.25 11.59 10.32
CA THR A 175 -15.63 11.35 10.67
C THR A 175 -16.19 10.41 9.58
N ILE A 176 -16.64 9.24 10.01
CA ILE A 176 -17.20 8.22 9.08
C ILE A 176 -18.46 7.71 9.78
N GLU A 177 -19.64 7.87 9.16
CA GLU A 177 -20.87 7.39 9.81
C GLU A 177 -20.89 5.92 10.11
N GLY A 178 -21.26 5.53 11.32
CA GLY A 178 -21.30 4.13 11.71
C GLY A 178 -20.03 3.45 12.10
N VAL A 179 -18.93 4.22 12.12
CA VAL A 179 -17.63 3.71 12.36
C VAL A 179 -16.96 4.58 13.40
N GLU A 180 -16.64 3.99 14.54
N GLU A 180 -16.60 3.98 14.52
CA GLU A 180 -15.89 4.71 15.58
C GLU A 180 -14.50 4.97 14.99
C GLU A 180 -14.44 4.94 15.11
N THR A 181 -14.01 6.21 15.14
CA THR A 181 -12.70 6.59 14.60
C THR A 181 -11.89 7.30 15.66
N PHE A 182 -10.60 7.03 15.61
CA PHE A 182 -9.65 7.43 16.64
C PHE A 182 -8.50 8.25 16.07
N ASP A 183 -7.99 9.16 16.89
CA ASP A 183 -6.82 9.96 16.61
C ASP A 183 -5.51 9.17 16.87
N ALA A 184 -4.40 9.68 16.33
CA ALA A 184 -3.05 9.10 16.49
C ALA A 184 -2.77 8.60 17.93
N GLY A 185 -2.97 9.50 18.87
CA GLY A 185 -2.64 9.27 20.25
C GLY A 185 -3.48 8.23 20.93
N GLU A 186 -4.59 7.82 20.33
CA GLU A 186 -5.49 6.85 20.90
C GLU A 186 -5.20 5.43 20.45
N LEU A 187 -3.99 5.21 19.94
CA LEU A 187 -3.60 3.90 19.42
C LEU A 187 -3.87 2.76 20.39
N ASP A 188 -3.47 2.88 21.65
CA ASP A 188 -3.63 1.76 22.57
C ASP A 188 -5.10 1.37 22.78
N ARG A 189 -5.97 2.37 22.91
CA ARG A 189 -7.37 2.11 23.04
C ARG A 189 -7.94 1.41 21.81
N PHE A 190 -7.54 1.90 20.65
CA PHE A 190 -7.99 1.33 19.38
C PHE A 190 -7.52 -0.11 19.28
N LEU A 191 -6.25 -0.39 19.61
CA LEU A 191 -5.77 -1.78 19.51
C LEU A 191 -6.52 -2.74 20.42
N ALA A 192 -6.85 -2.26 21.62
CA ALA A 192 -7.56 -3.09 22.59
C ALA A 192 -8.96 -3.50 22.18
N LYS A 193 -9.54 -2.76 21.24
CA LYS A 193 -10.85 -3.06 20.67
C LYS A 193 -10.81 -3.88 19.39
N THR A 194 -9.62 -4.13 18.87
CA THR A 194 -9.43 -4.70 17.54
C THR A 194 -9.18 -6.22 17.58
N ASP A 195 -10.00 -6.96 16.85
CA ASP A 195 -9.81 -8.42 16.63
C ASP A 195 -8.97 -8.70 15.37
N ILE A 196 -9.25 -7.99 14.29
CA ILE A 196 -8.46 -8.11 13.05
C ILE A 196 -7.93 -6.73 12.71
N LEU A 197 -6.60 -6.59 12.76
CA LEU A 197 -5.94 -5.33 12.42
C LEU A 197 -5.69 -5.34 10.92
N VAL A 198 -6.15 -4.32 10.20
CA VAL A 198 -5.86 -4.14 8.78
C VAL A 198 -4.95 -2.92 8.59
N GLY A 199 -3.75 -3.18 8.11
CA GLY A 199 -2.75 -2.11 7.89
C GLY A 199 -2.76 -1.57 6.49
N LEU A 200 -3.09 -0.29 6.37
CA LEU A 200 -3.11 0.44 5.10
C LEU A 200 -2.45 1.80 5.30
N LEU A 201 -1.27 1.75 5.91
CA LEU A 201 -0.48 2.97 6.19
C LEU A 201 0.63 3.17 5.15
N PRO A 202 1.00 4.42 4.84
CA PRO A 202 2.24 4.68 4.11
C PRO A 202 3.45 4.40 4.96
N LEU A 203 4.61 4.26 4.33
CA LEU A 203 5.90 4.16 5.05
C LEU A 203 6.48 5.53 5.24
N THR A 204 6.62 5.90 6.50
CA THR A 204 7.29 7.12 6.93
C THR A 204 8.20 6.73 8.07
N PRO A 205 9.06 7.65 8.51
CA PRO A 205 9.81 7.32 9.73
C PRO A 205 8.93 6.87 10.89
N GLU A 206 7.77 7.52 11.09
CA GLU A 206 6.90 7.16 12.19
C GLU A 206 6.22 5.81 12.04
N THR A 207 6.06 5.32 10.82
CA THR A 207 5.47 4.02 10.65
C THR A 207 6.48 2.88 10.33
N THR A 208 7.75 3.18 10.46
CA THR A 208 8.77 2.17 10.21
C THR A 208 8.89 1.28 11.45
N GLY A 209 8.85 -0.02 11.26
CA GLY A 209 8.94 -0.94 12.40
C GLY A 209 7.83 -0.77 13.42
N PHE A 210 6.69 -0.35 12.94
CA PHE A 210 5.54 0.00 13.77
C PHE A 210 4.80 -1.23 14.28
N TYR A 211 4.63 -2.22 13.42
CA TYR A 211 3.91 -3.42 13.78
C TYR A 211 4.91 -4.42 14.38
N ASP A 212 5.01 -4.39 15.72
CA ASP A 212 6.00 -5.15 16.45
C ASP A 212 5.37 -5.92 17.58
N SER A 213 6.20 -6.65 18.31
CA SER A 213 5.73 -7.46 19.43
CA SER A 213 5.70 -7.45 19.41
C SER A 213 4.86 -6.68 20.41
N GLU A 214 5.30 -5.50 20.80
CA GLU A 214 4.55 -4.70 21.75
C GLU A 214 3.13 -4.35 21.21
N LEU A 215 3.06 -3.98 19.93
CA LEU A 215 1.76 -3.67 19.34
C LEU A 215 0.86 -4.92 19.33
N PHE A 216 1.40 -6.08 18.94
CA PHE A 216 0.57 -7.27 18.83
C PHE A 216 -0.02 -7.70 20.17
N LYS A 217 0.77 -7.48 21.22
CA LYS A 217 0.30 -7.79 22.59
C LYS A 217 -0.81 -6.87 23.08
N LYS A 218 -1.08 -5.76 22.36
CA LYS A 218 -2.17 -4.83 22.71
C LYS A 218 -3.49 -5.13 22.03
N LEU A 219 -3.49 -6.01 21.04
CA LEU A 219 -4.72 -6.36 20.33
C LEU A 219 -5.65 -7.13 21.25
N ARG A 220 -6.93 -7.13 20.91
CA ARG A 220 -7.92 -7.73 21.77
C ARG A 220 -7.65 -9.24 21.96
N ARG A 221 -7.59 -9.69 23.23
CA ARG A 221 -7.28 -11.10 23.57
C ARG A 221 -8.54 -11.94 23.84
N ASP A 222 -9.68 -11.32 24.10
CA ASP A 222 -10.84 -12.09 24.51
C ASP A 222 -11.99 -11.94 23.54
N GLY A 223 -11.63 -11.79 22.26
CA GLY A 223 -12.60 -11.61 21.19
C GLY A 223 -13.14 -12.89 20.56
N ALA A 224 -14.03 -12.70 19.59
CA ALA A 224 -14.79 -13.80 19.02
C ALA A 224 -13.98 -14.74 18.16
N LEU A 225 -12.81 -14.31 17.68
CA LEU A 225 -11.85 -15.20 16.99
C LEU A 225 -10.92 -15.95 17.88
N GLY A 226 -10.95 -15.65 19.18
CA GLY A 226 -10.05 -16.32 20.10
C GLY A 226 -8.75 -15.56 20.25
N GLN A 227 -7.98 -15.50 19.16
CA GLN A 227 -6.72 -14.79 19.10
C GLN A 227 -6.80 -13.80 17.95
N PRO A 228 -6.24 -12.61 18.13
CA PRO A 228 -6.36 -11.60 17.08
C PRO A 228 -5.48 -11.84 15.88
N VAL A 229 -5.82 -11.18 14.78
CA VAL A 229 -5.16 -11.37 13.48
C VAL A 229 -4.54 -10.09 12.98
N PHE A 230 -3.37 -10.23 12.35
CA PHE A 230 -2.66 -9.11 11.75
C PHE A 230 -2.67 -9.19 10.24
N ILE A 231 -3.16 -8.14 9.59
CA ILE A 231 -3.20 -8.04 8.14
C ILE A 231 -2.44 -6.80 7.72
N ASN A 232 -1.51 -6.90 6.76
CA ASN A 232 -0.80 -5.71 6.24
C ASN A 232 -0.71 -5.77 4.75
N ALA A 233 -1.20 -4.70 4.12
CA ALA A 233 -0.97 -4.48 2.67
C ALA A 233 -0.51 -3.08 2.40
N GLY A 234 0.09 -2.42 3.39
CA GLY A 234 0.64 -1.08 3.20
C GLY A 234 2.07 -1.18 2.70
N ARG A 235 3.02 -1.15 3.64
CA ARG A 235 4.42 -1.31 3.32
C ARG A 235 5.05 -2.31 4.26
N GLY A 236 5.93 -3.15 3.69
CA GLY A 236 6.56 -4.20 4.43
C GLY A 236 7.49 -3.69 5.55
N LYS A 237 8.17 -2.57 5.31
CA LYS A 237 9.09 -2.04 6.33
C LYS A 237 8.34 -1.45 7.54
N SER A 238 7.01 -1.40 7.50
CA SER A 238 6.23 -1.04 8.67
C SER A 238 6.17 -2.17 9.70
N GLN A 239 6.47 -3.40 9.31
CA GLN A 239 6.35 -4.54 10.23
C GLN A 239 7.71 -5.12 10.60
N ILE A 240 7.73 -5.80 11.74
CA ILE A 240 8.90 -6.57 12.16
C ILE A 240 8.52 -8.04 12.02
N GLU A 241 8.98 -8.67 10.94
CA GLU A 241 8.55 -10.03 10.65
C GLU A 241 8.92 -11.05 11.70
N THR A 242 10.11 -10.93 12.30
CA THR A 242 10.46 -11.88 13.33
C THR A 242 9.48 -11.82 14.51
N ASP A 243 8.88 -10.65 14.74
CA ASP A 243 7.89 -10.51 15.79
C ASP A 243 6.56 -11.11 15.38
N ILE A 244 6.21 -11.04 14.09
CA ILE A 244 5.01 -11.74 13.60
C ILE A 244 5.20 -13.25 13.85
N VAL A 245 6.35 -13.79 13.45
CA VAL A 245 6.62 -15.19 13.63
C VAL A 245 6.48 -15.59 15.12
N SER A 246 7.14 -14.86 16.02
CA SER A 246 7.07 -15.18 17.43
C SER A 246 5.65 -15.09 17.97
N ALA A 247 4.93 -14.05 17.54
CA ALA A 247 3.56 -13.83 18.03
C ALA A 247 2.63 -14.96 17.58
N VAL A 248 2.79 -15.44 16.35
CA VAL A 248 1.95 -16.57 15.91
C VAL A 248 2.34 -17.83 16.66
N ARG A 249 3.63 -18.10 16.81
CA ARG A 249 4.04 -19.31 17.50
C ARG A 249 3.59 -19.30 18.95
N GLU A 250 3.63 -18.17 19.62
CA GLU A 250 3.25 -18.15 21.00
C GLU A 250 1.77 -17.96 21.26
N GLY A 251 1.01 -17.71 20.20
CA GLY A 251 -0.44 -17.57 20.32
C GLY A 251 -0.91 -16.16 20.59
N THR A 252 0.00 -15.19 20.58
CA THR A 252 -0.43 -13.77 20.66
C THR A 252 -1.26 -13.39 19.42
N LEU A 253 -0.84 -13.85 18.24
CA LEU A 253 -1.62 -13.70 17.03
C LEU A 253 -2.16 -15.06 16.67
N GLY A 254 -3.45 -15.07 16.31
CA GLY A 254 -4.07 -16.27 15.78
C GLY A 254 -3.72 -16.55 14.33
N GLY A 255 -3.24 -15.55 13.62
CA GLY A 255 -2.85 -15.70 12.23
C GLY A 255 -2.55 -14.34 11.65
N ALA A 256 -2.28 -14.35 10.36
CA ALA A 256 -1.92 -13.13 9.64
C ALA A 256 -2.20 -13.27 8.17
N SER A 257 -2.34 -12.14 7.50
CA SER A 257 -2.33 -12.08 6.05
C SER A 257 -1.41 -10.96 5.65
N LEU A 258 -0.47 -11.26 4.76
CA LEU A 258 0.55 -10.31 4.38
C LEU A 258 0.73 -10.24 2.89
N ASP A 259 0.65 -9.04 2.33
CA ASP A 259 0.97 -8.81 0.93
C ASP A 259 2.31 -8.12 0.74
N VAL A 260 2.88 -7.62 1.82
CA VAL A 260 4.11 -6.82 1.78
C VAL A 260 5.08 -7.30 2.82
N PHE A 261 6.39 -7.10 2.55
CA PHE A 261 7.44 -7.68 3.37
C PHE A 261 8.60 -6.74 3.50
N GLU A 262 9.37 -6.89 4.57
CA GLU A 262 10.51 -6.02 4.83
C GLU A 262 11.51 -6.05 3.68
N VAL A 263 11.74 -7.25 3.16
CA VAL A 263 12.54 -7.47 1.97
C VAL A 263 11.67 -8.24 0.99
N GLU A 264 11.56 -7.73 -0.23
CA GLU A 264 10.84 -8.41 -1.31
C GLU A 264 11.80 -8.72 -2.46
N PRO A 265 11.71 -9.89 -3.09
CA PRO A 265 10.80 -10.98 -2.70
C PRO A 265 11.13 -11.52 -1.30
N LEU A 266 10.12 -12.06 -0.62
CA LEU A 266 10.30 -12.70 0.69
C LEU A 266 11.31 -13.82 0.56
N ALA A 267 12.32 -13.83 1.44
CA ALA A 267 13.35 -14.87 1.41
C ALA A 267 12.72 -16.27 1.41
N THR A 268 13.26 -17.18 0.64
CA THR A 268 12.76 -18.56 0.58
C THR A 268 12.71 -19.20 1.97
N ASP A 269 13.68 -18.90 2.83
CA ASP A 269 13.72 -19.53 4.16
C ASP A 269 12.92 -18.81 5.21
N SER A 270 12.16 -17.78 4.86
CA SER A 270 11.32 -17.14 5.87
C SER A 270 10.43 -18.17 6.56
N PRO A 271 10.28 -18.07 7.88
CA PRO A 271 9.32 -18.95 8.56
C PRO A 271 7.88 -18.65 8.20
N LEU A 272 7.64 -17.46 7.65
CA LEU A 272 6.24 -17.08 7.35
C LEU A 272 5.56 -18.03 6.37
N TRP A 273 6.29 -18.52 5.37
CA TRP A 273 5.67 -19.35 4.37
C TRP A 273 4.86 -20.50 4.90
N GLU A 274 5.35 -21.18 5.93
CA GLU A 274 4.74 -22.40 6.41
C GLU A 274 4.09 -22.23 7.77
N LEU A 275 3.98 -21.02 8.27
CA LEU A 275 3.37 -20.75 9.57
CA LEU A 275 3.35 -20.79 9.59
C LEU A 275 1.86 -21.00 9.50
N GLU A 276 1.29 -21.68 10.49
CA GLU A 276 -0.11 -22.00 10.48
C GLU A 276 -0.94 -20.70 10.53
N ASN A 277 -2.00 -20.68 9.73
CA ASN A 277 -2.94 -19.54 9.75
CA ASN A 277 -2.94 -19.58 9.62
C ASN A 277 -2.33 -18.24 9.18
N VAL A 278 -1.30 -18.35 8.37
CA VAL A 278 -0.67 -17.20 7.74
C VAL A 278 -0.85 -17.34 6.24
N PHE A 279 -1.40 -16.30 5.61
CA PHE A 279 -1.63 -16.21 4.18
C PHE A 279 -0.68 -15.18 3.62
N ILE A 280 0.05 -15.61 2.57
CA ILE A 280 1.03 -14.74 1.90
C ILE A 280 0.58 -14.51 0.49
N THR A 281 0.54 -13.25 0.08
CA THR A 281 0.45 -12.91 -1.33
C THR A 281 1.69 -12.11 -1.68
N PRO A 282 2.23 -12.30 -2.90
CA PRO A 282 3.56 -11.78 -3.24
C PRO A 282 3.47 -10.35 -3.77
N HIS A 283 2.99 -9.42 -2.95
CA HIS A 283 2.82 -8.06 -3.37
C HIS A 283 2.05 -7.97 -4.67
N ASP A 284 0.92 -8.70 -4.72
CA ASP A 284 0.05 -8.66 -5.89
C ASP A 284 -1.39 -8.33 -5.48
N ALA A 285 -1.58 -7.78 -4.29
CA ALA A 285 -2.96 -7.38 -3.86
C ALA A 285 -3.52 -6.30 -4.77
N ALA A 286 -2.72 -5.33 -5.19
CA ALA A 286 -3.22 -4.20 -5.93
C ALA A 286 -2.05 -3.64 -6.75
N VAL A 287 -1.67 -4.35 -7.77
CA VAL A 287 -0.62 -3.89 -8.68
C VAL A 287 -1.30 -3.32 -9.90
N SER A 288 -0.87 -2.15 -10.32
CA SER A 288 -1.48 -1.43 -11.46
C SER A 288 -1.24 -2.09 -12.82
N GLU A 289 -2.27 -2.09 -13.68
CA GLU A 289 -2.06 -2.39 -15.11
C GLU A 289 -1.07 -1.34 -15.68
N GLU A 290 -0.12 -1.79 -16.51
CA GLU A 290 1.04 -0.96 -16.90
C GLU A 290 0.80 0.46 -17.49
N ASN A 291 -0.35 0.69 -18.13
CA ASN A 291 -0.75 1.97 -18.70
C ASN A 291 -1.38 2.92 -17.72
N ALA A 292 -1.88 2.39 -16.60
CA ALA A 292 -2.60 3.19 -15.67
C ALA A 292 -1.78 4.34 -15.11
N LEU A 293 -0.50 4.12 -14.82
CA LEU A 293 0.39 5.20 -14.34
C LEU A 293 0.43 6.37 -15.35
N PHE A 294 0.59 6.02 -16.63
CA PHE A 294 0.73 7.03 -17.67
C PHE A 294 -0.56 7.75 -17.91
N ARG A 295 -1.69 7.05 -17.87
CA ARG A 295 -2.95 7.75 -17.96
C ARG A 295 -3.15 8.76 -16.82
N HIS A 296 -2.73 8.35 -15.62
CA HIS A 296 -2.82 9.24 -14.44
C HIS A 296 -1.96 10.50 -14.61
N VAL A 297 -0.73 10.32 -15.07
CA VAL A 297 0.16 11.45 -15.22
C VAL A 297 -0.38 12.40 -16.30
N GLU A 298 -0.81 11.82 -17.42
CA GLU A 298 -1.39 12.61 -18.51
C GLU A 298 -2.59 13.46 -18.03
N MET A 299 -3.44 12.86 -17.23
CA MET A 299 -4.63 13.56 -16.71
C MET A 299 -4.22 14.69 -15.81
N GLN A 300 -3.22 14.47 -14.94
CA GLN A 300 -2.78 15.56 -14.06
C GLN A 300 -2.12 16.69 -14.80
N ILE A 301 -1.36 16.34 -15.85
CA ILE A 301 -0.77 17.39 -16.72
C ILE A 301 -1.89 18.19 -17.35
N ALA A 302 -2.96 17.52 -17.83
CA ALA A 302 -4.06 18.26 -18.47
C ALA A 302 -4.68 19.22 -17.46
N ARG A 303 -4.92 18.77 -16.24
CA ARG A 303 -5.47 19.68 -15.22
C ARG A 303 -4.53 20.84 -15.00
N PHE A 304 -3.25 20.53 -14.83
CA PHE A 304 -2.24 21.58 -14.56
C PHE A 304 -2.19 22.63 -15.68
N GLU A 305 -2.30 22.18 -16.92
CA GLU A 305 -2.24 23.04 -18.11
C GLU A 305 -3.55 23.82 -18.36
N ARG A 306 -4.66 23.39 -17.73
CA ARG A 306 -5.91 24.21 -17.69
C ARG A 306 -5.89 25.15 -16.48
N GLY A 307 -4.83 25.14 -15.66
CA GLY A 307 -4.74 25.99 -14.47
C GLY A 307 -5.44 25.48 -13.23
N GLU A 308 -5.89 24.23 -13.29
CA GLU A 308 -6.53 23.59 -12.17
C GLU A 308 -5.54 22.98 -11.20
N PRO A 309 -5.97 22.70 -9.96
CA PRO A 309 -5.08 22.10 -8.98
C PRO A 309 -4.68 20.70 -9.32
N LEU A 310 -3.43 20.37 -9.09
CA LEU A 310 -3.00 18.99 -9.09
C LEU A 310 -3.67 18.24 -7.97
N GLN A 311 -3.99 17.00 -8.21
CA GLN A 311 -4.55 16.11 -7.19
C GLN A 311 -3.46 15.19 -6.62
N PHE A 312 -3.70 14.63 -5.45
CA PHE A 312 -2.83 13.61 -4.86
C PHE A 312 -1.43 14.14 -4.58
N VAL A 313 -1.34 15.42 -4.24
CA VAL A 313 -0.08 16.04 -3.90
C VAL A 313 0.31 15.65 -2.50
N ILE A 314 1.53 15.22 -2.33
CA ILE A 314 1.94 14.83 -1.01
C ILE A 314 2.26 16.03 -0.13
N ASP A 315 2.11 15.76 1.14
CA ASP A 315 2.35 16.73 2.19
C ASP A 315 3.79 16.55 2.62
N ARG A 316 4.66 17.44 2.15
CA ARG A 316 6.08 17.27 2.39
C ARG A 316 6.45 17.23 3.86
N ALA A 317 5.85 18.10 4.66
CA ALA A 317 6.17 18.16 6.06
C ALA A 317 5.74 16.86 6.77
N ALA A 318 4.63 16.26 6.33
CA ALA A 318 4.14 15.03 6.95
C ALA A 318 4.83 13.79 6.42
N GLY A 319 5.33 13.87 5.20
CA GLY A 319 6.06 12.78 4.57
C GLY A 319 5.26 11.76 3.80
N TYR A 320 4.02 12.05 3.47
CA TYR A 320 3.17 11.16 2.69
C TYR A 320 2.04 11.95 2.05
#